data_3SUZ
#
_entry.id   3SUZ
#
_cell.length_a   111.662
_cell.length_b   111.662
_cell.length_c   84.586
_cell.angle_alpha   90.00
_cell.angle_beta   90.00
_cell.angle_gamma   120.00
#
_symmetry.space_group_name_H-M   'P 32 2 1'
#
loop_
_entity.id
_entity.type
_entity.pdbx_description
1 polymer 'Amyloid beta A4 precursor protein-binding family A member 2'
2 water water
#
_entity_poly.entity_id   1
_entity_poly.type   'polypeptide(L)'
_entity_poly.pdbx_seq_one_letter_code
;GSEDLIDGIIFAANYLGSTQLLSERNPSKNIRMMQAQEAVSRVKRMQKAAKIKKKANSEGDAQTLTEVDLFISTQRIKVL
NADTQETMMDHALRTISYIADIGNIVVLMARRRMPRSASQDCIETTPGAQEGKKQYKMICHVFESEDAQLIAQSIGQAFS
VAYQEFLRANGINPEDLSQKEYSDIINTQEMYNDDLIHFSNSENCKELQLEKHKGEILGVVVVESGWGSILPTVILANMM
NGGPAARSGKLSIGDQIMSINGTSLVGLPLATCQGIIKGLKNQTQVKLNIVSCPPVTTVLIKRPDLKYQLGFSVQNGIIC
SLMRGGIAERGGVRVGHRIIEINGQSVVATAHEKIVQALSNSVGEIHMKTMPAAMFRLLTGQETPLYI
;
_entity_poly.pdbx_strand_id   A
#
# COMPACT_ATOMS: atom_id res chain seq x y z
N GLY A 1 5.59 -14.62 25.09
CA GLY A 1 5.81 -14.05 23.72
C GLY A 1 5.81 -15.11 22.62
N SER A 2 4.62 -15.61 22.32
CA SER A 2 4.45 -16.64 21.30
C SER A 2 2.97 -16.96 21.16
N GLU A 3 2.39 -17.48 22.24
CA GLU A 3 0.97 -17.79 22.25
C GLU A 3 0.20 -16.50 21.96
N ASP A 4 0.71 -15.40 22.51
CA ASP A 4 0.11 -14.08 22.35
C ASP A 4 0.19 -13.50 20.94
N LEU A 5 1.33 -13.69 20.27
CA LEU A 5 1.51 -13.16 18.92
C LEU A 5 0.58 -13.81 17.90
N ILE A 6 -0.09 -14.89 18.28
CA ILE A 6 -1.01 -15.54 17.37
C ILE A 6 -2.34 -14.78 17.37
N ASP A 7 -2.82 -14.43 18.57
CA ASP A 7 -4.05 -13.68 18.70
C ASP A 7 -3.75 -12.22 18.39
N GLY A 8 -2.56 -11.79 18.78
CA GLY A 8 -2.13 -10.43 18.53
C GLY A 8 -1.97 -9.57 19.77
N ILE A 9 -1.22 -8.50 19.63
CA ILE A 9 -1.01 -7.57 20.71
C ILE A 9 -1.12 -6.16 20.13
N ILE A 10 -1.58 -5.23 20.95
CA ILE A 10 -1.77 -3.88 20.50
C ILE A 10 -0.93 -2.90 21.27
N PHE A 11 -0.18 -2.10 20.52
CA PHE A 11 0.68 -1.06 21.08
C PHE A 11 0.07 0.25 20.61
N ALA A 12 0.11 1.27 21.46
CA ALA A 12 -0.44 2.55 21.07
C ALA A 12 0.69 3.27 20.33
N ALA A 13 0.33 4.12 19.38
CA ALA A 13 1.34 4.89 18.65
C ALA A 13 0.67 6.00 17.87
N ASN A 14 1.47 6.96 17.40
CA ASN A 14 0.95 8.08 16.62
C ASN A 14 1.39 7.96 15.17
N TYR A 15 0.43 7.85 14.28
CA TYR A 15 0.72 7.73 12.86
C TYR A 15 1.06 9.10 12.27
N LEU A 16 2.34 9.32 11.94
CA LEU A 16 2.78 10.59 11.38
C LEU A 16 2.53 10.76 9.89
N GLY A 17 2.49 9.63 9.17
CA GLY A 17 2.25 9.70 7.74
C GLY A 17 3.00 8.63 6.98
N SER A 18 2.78 8.57 5.67
CA SER A 18 3.42 7.61 4.79
C SER A 18 4.00 8.32 3.59
N THR A 19 4.92 7.66 2.90
CA THR A 19 5.53 8.25 1.74
C THR A 19 6.00 7.17 0.79
N GLN A 20 5.80 7.39 -0.50
CA GLN A 20 6.24 6.44 -1.49
C GLN A 20 7.68 6.84 -1.77
N LEU A 21 8.46 5.95 -2.37
CA LEU A 21 9.84 6.26 -2.70
C LEU A 21 10.27 5.37 -3.85
N LEU A 22 11.23 5.85 -4.62
CA LEU A 22 11.75 5.09 -5.74
C LEU A 22 12.89 4.23 -5.20
N SER A 23 13.04 3.02 -5.73
CA SER A 23 14.08 2.13 -5.25
C SER A 23 14.56 1.13 -6.29
N GLU A 24 15.79 0.66 -6.10
CA GLU A 24 16.38 -0.35 -6.95
C GLU A 24 15.59 -1.64 -6.67
N ARG A 25 15.67 -2.61 -7.59
CA ARG A 25 14.93 -3.86 -7.46
C ARG A 25 15.06 -4.69 -6.19
N ASN A 26 16.29 -4.89 -5.71
CA ASN A 26 16.48 -5.73 -4.53
C ASN A 26 17.72 -5.28 -3.76
N PRO A 27 17.69 -4.06 -3.21
CA PRO A 27 18.81 -3.48 -2.46
C PRO A 27 19.16 -4.09 -1.10
N SER A 28 20.36 -3.74 -0.65
CA SER A 28 20.90 -4.20 0.62
C SER A 28 20.08 -3.65 1.77
N LYS A 29 20.20 -4.30 2.92
CA LYS A 29 19.50 -3.89 4.11
C LYS A 29 20.04 -2.54 4.56
N ASN A 30 21.28 -2.26 4.23
CA ASN A 30 21.88 -0.99 4.61
C ASN A 30 21.25 0.13 3.77
N ILE A 31 20.95 -0.17 2.51
CA ILE A 31 20.32 0.81 1.64
C ILE A 31 18.91 1.06 2.13
N ARG A 32 18.25 -0.01 2.58
CA ARG A 32 16.90 0.10 3.11
C ARG A 32 16.93 1.03 4.31
N MET A 33 18.08 1.08 4.99
CA MET A 33 18.23 1.94 6.15
C MET A 33 18.23 3.40 5.70
N MET A 34 18.87 3.68 4.58
CA MET A 34 18.94 5.03 4.05
C MET A 34 17.55 5.50 3.67
N GLN A 35 16.87 4.64 2.92
CA GLN A 35 15.52 4.89 2.45
C GLN A 35 14.59 5.26 3.61
N ALA A 36 14.67 4.52 4.70
CA ALA A 36 13.84 4.78 5.85
C ALA A 36 14.12 6.14 6.47
N GLN A 37 15.38 6.51 6.61
CA GLN A 37 15.68 7.80 7.20
C GLN A 37 15.29 8.96 6.29
N GLU A 38 15.27 8.74 4.98
CA GLU A 38 14.89 9.81 4.08
C GLU A 38 13.37 9.93 4.16
N ALA A 39 12.71 8.78 4.30
CA ALA A 39 11.26 8.75 4.41
C ALA A 39 10.84 9.50 5.66
N VAL A 40 11.45 9.18 6.80
CA VAL A 40 11.13 9.86 8.04
C VAL A 40 11.41 11.38 8.00
N SER A 41 12.45 11.80 7.30
CA SER A 41 12.72 13.23 7.20
C SER A 41 11.61 13.92 6.45
N ARG A 42 11.22 13.35 5.30
CA ARG A 42 10.18 13.95 4.50
C ARG A 42 8.88 14.11 5.28
N VAL A 43 8.48 13.06 5.99
CA VAL A 43 7.25 13.10 6.76
C VAL A 43 7.34 14.09 7.92
N LYS A 44 8.44 14.09 8.66
CA LYS A 44 8.59 15.02 9.77
C LYS A 44 8.61 16.47 9.29
N ARG A 45 9.23 16.71 8.13
CA ARG A 45 9.29 18.06 7.60
C ARG A 45 7.92 18.44 7.07
N MET A 46 7.10 17.45 6.75
CA MET A 46 5.77 17.76 6.25
C MET A 46 4.83 18.04 7.41
N GLN A 47 4.97 17.24 8.47
CA GLN A 47 4.16 17.42 9.66
C GLN A 47 4.40 18.83 10.19
N LYS A 48 5.67 19.28 10.13
CA LYS A 48 6.03 20.63 10.59
C LYS A 48 5.27 21.71 9.83
N ALA A 49 5.08 21.51 8.53
CA ALA A 49 4.35 22.49 7.76
C ALA A 49 2.88 22.33 8.15
N ALA A 50 2.42 21.10 8.26
CA ALA A 50 1.03 20.82 8.61
C ALA A 50 0.63 21.47 9.94
N LYS A 51 1.53 21.43 10.92
CA LYS A 51 1.22 22.04 12.21
C LYS A 51 0.93 23.52 11.97
N ILE A 52 1.77 24.16 11.15
CA ILE A 52 1.60 25.57 10.83
C ILE A 52 0.26 25.80 10.15
N LYS A 53 -0.01 25.08 9.06
CA LYS A 53 -1.28 25.25 8.36
C LYS A 53 -2.42 25.08 9.34
N LYS A 54 -2.23 24.19 10.32
CA LYS A 54 -3.24 23.91 11.35
C LYS A 54 -3.40 25.09 12.31
N LYS A 55 -2.28 25.62 12.79
CA LYS A 55 -2.34 26.75 13.72
C LYS A 55 -3.24 27.80 13.07
N ALA A 56 -2.93 28.19 11.85
CA ALA A 56 -3.79 29.13 11.14
C ALA A 56 -5.04 28.26 11.09
N ASN A 57 -6.13 28.69 11.68
CA ASN A 57 -7.33 27.85 11.69
C ASN A 57 -8.43 28.22 10.72
N SER A 58 -8.41 27.58 9.55
CA SER A 58 -9.43 27.83 8.53
C SER A 58 -10.79 27.66 9.22
N GLU A 59 -11.22 26.41 9.36
CA GLU A 59 -12.49 26.11 9.99
C GLU A 59 -12.23 25.22 11.19
N GLY A 60 -12.24 23.90 10.97
CA GLY A 60 -12.00 22.96 12.05
C GLY A 60 -10.57 23.04 12.58
N ASP A 61 -10.25 22.18 13.54
CA ASP A 61 -8.91 22.16 14.13
C ASP A 61 -8.42 20.72 14.29
N ALA A 62 -8.46 19.97 13.18
CA ALA A 62 -8.02 18.57 13.18
C ALA A 62 -6.51 18.47 13.29
N GLN A 63 -6.04 17.59 14.17
CA GLN A 63 -4.61 17.42 14.36
C GLN A 63 -3.92 16.91 13.09
N THR A 64 -2.59 17.01 13.08
CA THR A 64 -1.79 16.61 11.93
C THR A 64 -1.42 15.12 11.92
N LEU A 65 -1.44 14.51 13.10
CA LEU A 65 -1.12 13.09 13.22
C LEU A 65 -2.32 12.41 13.88
N THR A 66 -2.28 11.10 13.99
CA THR A 66 -3.41 10.40 14.58
C THR A 66 -3.03 9.21 15.46
N GLU A 67 -3.64 9.15 16.64
CA GLU A 67 -3.40 8.04 17.57
C GLU A 67 -3.99 6.77 16.97
N VAL A 68 -3.20 5.70 16.99
CA VAL A 68 -3.65 4.46 16.41
C VAL A 68 -3.32 3.24 17.23
N ASP A 69 -3.99 2.15 16.89
CA ASP A 69 -3.76 0.85 17.51
C ASP A 69 -2.82 0.16 16.52
N LEU A 70 -1.67 -0.28 17.01
CA LEU A 70 -0.74 -0.99 16.15
C LEU A 70 -0.92 -2.45 16.53
N PHE A 71 -1.69 -3.20 15.72
CA PHE A 71 -1.93 -4.63 15.96
C PHE A 71 -0.78 -5.40 15.33
N ILE A 72 -0.29 -6.41 16.05
CA ILE A 72 0.82 -7.21 15.56
C ILE A 72 0.51 -8.68 15.81
N SER A 73 0.64 -9.50 14.78
CA SER A 73 0.37 -10.93 14.95
C SER A 73 1.25 -11.65 13.95
N THR A 74 1.36 -12.97 14.11
CA THR A 74 2.16 -13.79 13.21
C THR A 74 1.58 -13.73 11.81
N GLN A 75 0.33 -13.28 11.71
CA GLN A 75 -0.35 -13.21 10.43
C GLN A 75 -0.30 -11.84 9.74
N ARG A 76 -0.37 -10.76 10.50
CA ARG A 76 -0.36 -9.45 9.88
C ARG A 76 -0.02 -8.33 10.84
N ILE A 77 0.03 -7.12 10.30
CA ILE A 77 0.26 -5.91 11.07
C ILE A 77 -0.85 -4.95 10.66
N LYS A 78 -1.75 -4.64 11.59
CA LYS A 78 -2.85 -3.74 11.31
C LYS A 78 -2.78 -2.47 12.10
N VAL A 79 -2.98 -1.36 11.40
CA VAL A 79 -3.01 -0.06 12.04
C VAL A 79 -4.48 0.36 12.04
N LEU A 80 -5.05 0.57 13.23
CA LEU A 80 -6.44 1.00 13.31
C LEU A 80 -6.51 2.36 13.99
N ASN A 81 -7.54 3.12 13.63
CA ASN A 81 -7.77 4.42 14.22
C ASN A 81 -8.14 4.12 15.67
N ALA A 82 -7.36 4.61 16.62
CA ALA A 82 -7.64 4.32 18.01
C ALA A 82 -9.11 4.53 18.38
N ASP A 83 -9.66 5.70 18.07
CA ASP A 83 -11.05 6.00 18.41
C ASP A 83 -12.15 5.39 17.54
N THR A 84 -12.03 5.45 16.22
CA THR A 84 -13.06 4.90 15.35
C THR A 84 -12.87 3.42 15.03
N GLN A 85 -11.68 2.89 15.35
CA GLN A 85 -11.36 1.49 15.07
C GLN A 85 -11.42 1.20 13.60
N GLU A 86 -11.43 2.24 12.79
CA GLU A 86 -11.49 2.03 11.35
C GLU A 86 -10.08 1.59 10.91
N THR A 87 -10.02 0.62 10.01
CA THR A 87 -8.74 0.13 9.54
C THR A 87 -8.09 1.14 8.59
N MET A 88 -6.82 1.42 8.85
CA MET A 88 -6.07 2.36 8.04
C MET A 88 -5.08 1.61 7.16
N MET A 89 -4.55 0.51 7.68
CA MET A 89 -3.60 -0.30 6.94
C MET A 89 -3.62 -1.73 7.44
N ASP A 90 -3.53 -2.66 6.51
CA ASP A 90 -3.51 -4.08 6.85
C ASP A 90 -2.43 -4.74 6.00
N HIS A 91 -1.26 -5.00 6.59
CA HIS A 91 -0.18 -5.62 5.85
C HIS A 91 0.07 -7.07 6.22
N ALA A 92 0.03 -7.96 5.22
CA ALA A 92 0.29 -9.36 5.50
C ALA A 92 1.72 -9.37 6.05
N LEU A 93 1.92 -10.04 7.18
CA LEU A 93 3.22 -10.07 7.80
C LEU A 93 4.35 -10.31 6.81
N ARG A 94 4.06 -11.04 5.74
CA ARG A 94 5.06 -11.36 4.73
C ARG A 94 5.38 -10.20 3.76
N THR A 95 4.56 -9.15 3.77
CA THR A 95 4.78 -8.01 2.86
C THR A 95 5.72 -6.94 3.41
N ILE A 96 6.00 -7.01 4.69
CA ILE A 96 6.90 -6.04 5.30
C ILE A 96 8.32 -6.38 4.88
N SER A 97 8.98 -5.46 4.20
CA SER A 97 10.34 -5.71 3.76
C SER A 97 11.37 -5.17 4.72
N TYR A 98 11.01 -4.15 5.50
CA TYR A 98 11.96 -3.57 6.43
C TYR A 98 11.23 -2.84 7.56
N ILE A 99 11.60 -3.17 8.80
CA ILE A 99 11.00 -2.55 9.98
C ILE A 99 12.16 -2.08 10.84
N ALA A 100 11.98 -1.00 11.58
CA ALA A 100 13.06 -0.50 12.43
C ALA A 100 12.62 0.66 13.30
N ASP A 101 13.32 0.81 14.43
CA ASP A 101 13.04 1.90 15.34
C ASP A 101 14.23 2.83 15.21
N ILE A 102 13.97 4.12 15.26
CA ILE A 102 15.01 5.14 15.13
C ILE A 102 14.67 6.18 16.18
N GLY A 103 15.07 5.90 17.41
CA GLY A 103 14.75 6.81 18.49
C GLY A 103 13.37 6.36 18.93
N ASN A 104 12.42 7.29 18.99
CA ASN A 104 11.06 6.95 19.38
C ASN A 104 10.19 6.83 18.12
N ILE A 105 10.81 6.45 17.00
CA ILE A 105 10.08 6.30 15.77
C ILE A 105 10.20 4.91 15.17
N VAL A 106 9.09 4.42 14.63
CA VAL A 106 9.04 3.10 14.01
C VAL A 106 8.67 3.23 12.54
N VAL A 107 9.50 2.69 11.66
CA VAL A 107 9.22 2.77 10.24
C VAL A 107 8.89 1.41 9.68
N LEU A 108 7.77 1.31 8.95
CA LEU A 108 7.38 0.06 8.31
C LEU A 108 7.52 0.28 6.82
N MET A 109 8.27 -0.56 6.13
CA MET A 109 8.39 -0.41 4.68
C MET A 109 7.82 -1.63 3.98
N ALA A 110 7.27 -1.41 2.80
CA ALA A 110 6.70 -2.48 2.00
C ALA A 110 6.83 -2.14 0.53
N ARG A 111 6.96 -3.17 -0.30
CA ARG A 111 7.08 -2.99 -1.73
C ARG A 111 5.73 -2.57 -2.27
N ARG A 112 5.74 -1.57 -3.17
CA ARG A 112 4.53 -1.07 -3.78
C ARG A 112 4.44 -1.66 -5.19
N ARG A 113 3.59 -2.68 -5.36
CA ARG A 113 3.44 -3.31 -6.66
C ARG A 113 2.88 -2.28 -7.63
N MET A 114 3.44 -2.21 -8.82
CA MET A 114 2.98 -1.23 -9.80
C MET A 114 3.68 -1.33 -11.16
N PRO A 115 2.90 -1.25 -12.25
CA PRO A 115 3.49 -1.32 -13.59
C PRO A 115 4.45 -0.17 -13.77
N ARG A 116 5.65 -0.46 -14.30
CA ARG A 116 6.67 0.57 -14.49
C ARG A 116 6.26 1.74 -15.37
N SER A 117 7.13 2.73 -15.44
CA SER A 117 6.89 3.95 -16.22
C SER A 117 8.11 4.35 -17.05
N ALA A 118 7.87 4.73 -18.30
CA ALA A 118 8.94 5.16 -19.20
C ALA A 118 9.29 6.63 -18.98
N GLY A 132 20.35 5.80 -15.42
CA GLY A 132 20.09 5.67 -13.99
C GLY A 132 18.67 6.05 -13.62
N LYS A 133 18.16 5.43 -12.56
CA LYS A 133 16.80 5.69 -12.08
C LYS A 133 16.32 4.52 -11.22
N LYS A 134 15.58 4.82 -10.16
CA LYS A 134 15.04 3.77 -9.33
C LYS A 134 13.79 3.41 -10.08
N GLN A 135 13.66 2.15 -10.50
CA GLN A 135 12.48 1.76 -11.25
C GLN A 135 11.37 1.16 -10.39
N TYR A 136 11.73 0.80 -9.16
CA TYR A 136 10.78 0.19 -8.24
C TYR A 136 10.29 1.15 -7.16
N LYS A 137 9.12 0.86 -6.60
CA LYS A 137 8.56 1.72 -5.58
C LYS A 137 8.33 1.09 -4.21
N MET A 138 8.77 1.78 -3.16
CA MET A 138 8.59 1.32 -1.79
C MET A 138 7.65 2.28 -1.07
N ILE A 139 6.69 1.75 -0.32
CA ILE A 139 5.77 2.60 0.44
C ILE A 139 6.31 2.57 1.87
N CYS A 140 6.40 3.73 2.50
CA CYS A 140 6.93 3.78 3.85
C CYS A 140 6.04 4.46 4.89
N HIS A 141 5.63 3.69 5.90
CA HIS A 141 4.76 4.17 6.98
C HIS A 141 5.56 4.62 8.23
N VAL A 142 5.30 5.84 8.69
CA VAL A 142 6.03 6.39 9.84
C VAL A 142 5.19 6.60 11.09
N PHE A 143 5.62 5.99 12.20
CA PHE A 143 4.91 6.09 13.46
C PHE A 143 5.82 6.59 14.56
N GLU A 144 5.21 7.12 15.61
CA GLU A 144 5.95 7.63 16.76
C GLU A 144 5.37 6.97 18.00
N SER A 145 6.25 6.49 18.87
CA SER A 145 5.79 5.84 20.09
C SER A 145 6.89 5.78 21.14
N GLU A 146 6.50 5.92 22.40
CA GLU A 146 7.44 5.84 23.52
C GLU A 146 8.02 4.45 23.51
N ASP A 147 7.31 3.52 22.86
CA ASP A 147 7.73 2.13 22.80
C ASP A 147 8.16 1.61 21.43
N ALA A 148 8.72 2.51 20.61
CA ALA A 148 9.19 2.17 19.28
C ALA A 148 10.07 0.92 19.30
N GLN A 149 11.02 0.92 20.22
CA GLN A 149 11.96 -0.19 20.40
C GLN A 149 11.25 -1.54 20.56
N LEU A 150 10.25 -1.58 21.44
CA LEU A 150 9.48 -2.78 21.73
C LEU A 150 8.60 -3.23 20.56
N ILE A 151 8.05 -2.26 19.83
CA ILE A 151 7.20 -2.55 18.67
C ILE A 151 8.06 -3.29 17.67
N ALA A 152 9.20 -2.69 17.31
CA ALA A 152 10.13 -3.32 16.38
C ALA A 152 10.46 -4.74 16.87
N GLN A 153 10.92 -4.86 18.12
CA GLN A 153 11.26 -6.17 18.69
C GLN A 153 10.11 -7.17 18.58
N SER A 154 8.90 -6.72 18.91
CA SER A 154 7.73 -7.58 18.87
C SER A 154 7.39 -8.03 17.45
N ILE A 155 7.55 -7.13 16.49
CA ILE A 155 7.29 -7.50 15.11
C ILE A 155 8.33 -8.56 14.69
N GLY A 156 9.58 -8.34 15.11
CA GLY A 156 10.63 -9.30 14.81
C GLY A 156 10.21 -10.65 15.38
N GLN A 157 9.81 -10.64 16.65
CA GLN A 157 9.37 -11.84 17.34
C GLN A 157 8.20 -12.50 16.61
N ALA A 158 7.40 -11.70 15.92
CA ALA A 158 6.26 -12.21 15.19
C ALA A 158 6.73 -13.07 14.02
N PHE A 159 7.77 -12.63 13.33
CA PHE A 159 8.29 -13.39 12.21
C PHE A 159 8.69 -14.80 12.64
N SER A 160 9.43 -14.89 13.74
CA SER A 160 9.88 -16.18 14.28
C SER A 160 8.74 -17.10 14.68
N VAL A 161 7.74 -16.59 15.36
CA VAL A 161 6.64 -17.46 15.75
C VAL A 161 5.92 -17.92 14.50
N ALA A 162 5.87 -17.06 13.47
CA ALA A 162 5.19 -17.42 12.22
C ALA A 162 5.95 -18.57 11.57
N TYR A 163 7.27 -18.52 11.70
CA TYR A 163 8.18 -19.54 11.19
C TYR A 163 7.93 -20.85 11.95
N GLN A 164 8.11 -20.82 13.27
CA GLN A 164 7.87 -21.98 14.13
C GLN A 164 6.50 -22.59 13.83
N GLU A 165 5.51 -21.74 13.58
CA GLU A 165 4.17 -22.23 13.30
C GLU A 165 4.09 -22.84 11.91
N PHE A 166 4.99 -22.44 11.03
CA PHE A 166 4.99 -22.97 9.66
C PHE A 166 5.50 -24.40 9.73
N LEU A 167 6.64 -24.60 10.38
CA LEU A 167 7.22 -25.93 10.54
C LEU A 167 6.13 -26.84 11.14
N ARG A 168 5.68 -26.47 12.34
CA ARG A 168 4.65 -27.25 13.02
C ARG A 168 3.48 -27.59 12.12
N ALA A 169 2.79 -26.57 11.65
CA ALA A 169 1.62 -26.75 10.80
C ALA A 169 1.83 -27.69 9.61
N ASN A 170 3.07 -27.79 9.15
CA ASN A 170 3.38 -28.63 7.99
C ASN A 170 4.23 -29.84 8.31
N GLY A 171 4.50 -30.07 9.57
CA GLY A 171 5.30 -31.22 9.95
C GLY A 171 6.69 -31.17 9.34
N ILE A 172 7.39 -30.07 9.59
CA ILE A 172 8.74 -29.93 9.07
C ILE A 172 9.66 -29.70 10.26
N ASN A 173 10.91 -30.06 10.10
CA ASN A 173 11.85 -29.90 11.20
C ASN A 173 12.90 -28.84 10.92
N PRO A 174 13.17 -27.98 11.91
CA PRO A 174 14.15 -26.90 11.84
C PRO A 174 15.46 -27.18 11.09
N GLU A 175 15.99 -28.39 11.24
CA GLU A 175 17.24 -28.74 10.58
C GLU A 175 17.12 -28.80 9.06
N ASP A 176 15.91 -28.92 8.56
CA ASP A 176 15.68 -28.97 7.11
C ASP A 176 15.42 -27.58 6.56
N LEU A 177 14.47 -26.87 7.17
CA LEU A 177 14.11 -25.51 6.77
C LEU A 177 14.42 -24.53 7.89
N SER A 178 15.57 -23.87 7.83
CA SER A 178 15.93 -22.92 8.88
C SER A 178 15.08 -21.69 8.70
N GLN A 179 15.21 -20.72 9.59
CA GLN A 179 14.40 -19.52 9.47
C GLN A 179 14.92 -18.59 8.37
N LYS A 180 16.22 -18.70 8.06
CA LYS A 180 16.84 -17.89 7.03
C LYS A 180 16.28 -18.29 5.67
N GLU A 181 16.21 -19.60 5.43
CA GLU A 181 15.67 -20.08 4.17
C GLU A 181 14.20 -19.71 4.14
N TYR A 182 13.59 -19.65 5.31
CA TYR A 182 12.18 -19.29 5.40
C TYR A 182 12.00 -17.86 4.90
N SER A 183 12.89 -16.97 5.34
CA SER A 183 12.88 -15.58 4.92
C SER A 183 13.05 -15.53 3.42
N ASP A 184 14.11 -16.16 2.93
CA ASP A 184 14.42 -16.21 1.50
C ASP A 184 13.21 -16.63 0.67
N ILE A 185 12.48 -17.64 1.15
CA ILE A 185 11.32 -18.09 0.42
C ILE A 185 10.32 -16.95 0.32
N ILE A 186 10.06 -16.31 1.45
CA ILE A 186 9.12 -15.20 1.51
C ILE A 186 9.53 -14.01 0.65
N ASN A 187 10.80 -13.63 0.68
CA ASN A 187 11.26 -12.51 -0.14
C ASN A 187 11.13 -12.82 -1.63
N THR A 188 11.53 -14.02 -2.02
CA THR A 188 11.45 -14.45 -3.40
C THR A 188 10.04 -14.23 -3.89
N GLN A 189 9.08 -14.65 -3.09
CA GLN A 189 7.68 -14.52 -3.47
C GLN A 189 7.26 -13.07 -3.63
N GLU A 190 7.79 -12.21 -2.75
CA GLU A 190 7.49 -10.79 -2.80
C GLU A 190 8.15 -10.25 -4.06
N MET A 191 9.45 -10.52 -4.19
CA MET A 191 10.20 -10.09 -5.35
C MET A 191 9.52 -10.50 -6.63
N TYR A 192 9.12 -11.77 -6.70
CA TYR A 192 8.48 -12.26 -7.89
C TYR A 192 7.26 -11.40 -8.21
N ASN A 193 6.39 -11.23 -7.23
CA ASN A 193 5.17 -10.44 -7.43
C ASN A 193 5.46 -8.99 -7.76
N ASP A 194 6.57 -8.45 -7.28
CA ASP A 194 6.91 -7.10 -7.62
C ASP A 194 7.19 -7.18 -9.13
N ASP A 195 8.25 -7.89 -9.51
CA ASP A 195 8.61 -8.07 -10.92
C ASP A 195 7.36 -8.32 -11.80
N LEU A 196 6.52 -9.25 -11.38
CA LEU A 196 5.33 -9.59 -12.14
C LEU A 196 4.56 -8.36 -12.60
N ILE A 197 4.00 -7.62 -11.64
CA ILE A 197 3.22 -6.41 -11.93
C ILE A 197 4.09 -5.32 -12.57
N HIS A 198 5.34 -5.26 -12.18
CA HIS A 198 6.25 -4.26 -12.70
C HIS A 198 6.44 -4.33 -14.20
N PHE A 199 6.42 -5.55 -14.73
CA PHE A 199 6.61 -5.76 -16.16
C PHE A 199 5.30 -6.18 -16.80
N SER A 200 4.19 -5.99 -16.10
CA SER A 200 2.87 -6.34 -16.62
C SER A 200 2.57 -5.44 -17.80
N ASN A 201 3.62 -4.74 -18.26
CA ASN A 201 3.53 -3.83 -19.40
C ASN A 201 3.39 -4.71 -20.64
N SER A 202 2.48 -5.67 -20.54
CA SER A 202 2.17 -6.63 -21.59
C SER A 202 2.11 -6.04 -23.00
N GLU A 203 0.95 -5.49 -23.39
CA GLU A 203 0.78 -4.91 -24.72
C GLU A 203 0.32 -3.45 -24.79
N ASN A 204 0.31 -2.75 -23.65
CA ASN A 204 -0.11 -1.36 -23.66
C ASN A 204 -0.24 -0.76 -22.26
N CYS A 205 0.89 -0.50 -21.61
CA CYS A 205 0.82 0.09 -20.27
C CYS A 205 0.70 1.60 -20.46
N LYS A 206 -0.47 2.04 -20.89
CA LYS A 206 -0.73 3.45 -21.13
C LYS A 206 -0.97 4.17 -19.81
N GLU A 207 -0.12 5.13 -19.50
CA GLU A 207 -0.25 5.89 -18.27
C GLU A 207 -1.08 7.13 -18.60
N LEU A 208 -2.13 7.35 -17.82
CA LEU A 208 -3.00 8.50 -18.05
C LEU A 208 -2.89 9.54 -16.94
N GLN A 209 -3.53 10.68 -17.20
CA GLN A 209 -3.54 11.80 -16.26
C GLN A 209 -4.87 12.51 -16.43
N LEU A 210 -5.76 12.36 -15.45
CA LEU A 210 -7.07 13.00 -15.50
C LEU A 210 -7.11 14.23 -14.61
N GLU A 211 -7.89 15.23 -15.01
CA GLU A 211 -8.02 16.45 -14.24
C GLU A 211 -9.43 16.50 -13.64
N LYS A 212 -9.55 17.11 -12.47
CA LYS A 212 -10.83 17.23 -11.77
C LYS A 212 -10.67 18.31 -10.71
N HIS A 213 -11.75 18.65 -10.00
CA HIS A 213 -11.67 19.69 -8.99
C HIS A 213 -12.03 19.23 -7.58
N LYS A 214 -13.33 19.19 -7.29
CA LYS A 214 -13.81 18.80 -5.97
C LYS A 214 -15.13 18.05 -6.04
N GLY A 215 -15.36 17.19 -5.05
CA GLY A 215 -16.58 16.40 -4.95
C GLY A 215 -16.93 15.62 -6.19
N GLU A 216 -16.81 16.27 -7.35
CA GLU A 216 -17.13 15.64 -8.62
C GLU A 216 -16.55 14.25 -8.75
N ILE A 217 -17.09 13.49 -9.71
CA ILE A 217 -16.63 12.13 -9.93
C ILE A 217 -16.65 11.71 -11.42
N LEU A 218 -15.93 10.66 -11.73
CA LEU A 218 -15.83 10.14 -13.11
C LEU A 218 -17.04 9.33 -13.58
N GLY A 219 -17.22 8.13 -13.03
CA GLY A 219 -18.35 7.31 -13.43
C GLY A 219 -18.40 5.93 -12.81
N VAL A 220 -18.73 4.92 -13.60
CA VAL A 220 -18.80 3.54 -13.10
C VAL A 220 -18.52 2.53 -14.21
N VAL A 221 -17.82 1.45 -13.86
CA VAL A 221 -17.48 0.41 -14.82
C VAL A 221 -17.50 -0.99 -14.17
N VAL A 222 -17.56 -2.02 -15.00
CA VAL A 222 -17.60 -3.40 -14.52
C VAL A 222 -16.19 -3.89 -14.20
N VAL A 223 -16.08 -5.11 -13.68
CA VAL A 223 -14.80 -5.70 -13.32
C VAL A 223 -14.63 -7.14 -13.77
N GLU A 224 -14.02 -7.96 -12.91
CA GLU A 224 -13.79 -9.37 -13.20
C GLU A 224 -13.32 -9.56 -14.64
N SER A 225 -12.02 -9.39 -14.86
CA SER A 225 -11.43 -9.54 -16.18
C SER A 225 -11.98 -10.76 -16.93
N SER A 229 -12.00 -15.72 -15.25
CA SER A 229 -10.96 -15.80 -16.27
C SER A 229 -9.62 -15.37 -15.68
N ILE A 230 -8.85 -16.35 -15.20
CA ILE A 230 -7.54 -16.09 -14.60
C ILE A 230 -6.65 -15.20 -15.46
N LEU A 231 -6.58 -13.93 -15.06
CA LEU A 231 -5.80 -12.91 -15.75
C LEU A 231 -5.60 -11.76 -14.75
N PRO A 232 -5.04 -10.62 -15.20
CA PRO A 232 -4.86 -9.54 -14.23
C PRO A 232 -6.22 -9.05 -13.74
N THR A 233 -6.77 -9.74 -12.75
CA THR A 233 -8.07 -9.38 -12.18
C THR A 233 -8.07 -7.89 -11.86
N VAL A 234 -8.47 -7.09 -12.84
CA VAL A 234 -8.51 -5.64 -12.69
C VAL A 234 -9.95 -5.13 -12.77
N ILE A 235 -10.22 -4.35 -13.81
CA ILE A 235 -11.54 -3.79 -14.01
C ILE A 235 -11.67 -3.29 -15.45
N LEU A 236 -12.84 -3.52 -16.04
CA LEU A 236 -13.09 -3.09 -17.41
C LEU A 236 -13.95 -1.83 -17.42
N ALA A 237 -13.64 -0.91 -18.33
CA ALA A 237 -14.39 0.34 -18.43
C ALA A 237 -15.81 0.06 -18.92
N ASN A 238 -16.78 0.82 -18.42
CA ASN A 238 -18.18 0.62 -18.82
C ASN A 238 -19.08 1.85 -18.68
N MET A 239 -18.95 2.79 -19.62
CA MET A 239 -19.76 4.01 -19.68
C MET A 239 -19.39 5.18 -18.75
N MET A 240 -20.30 6.15 -18.69
CA MET A 240 -20.17 7.36 -17.87
C MET A 240 -19.27 8.43 -18.49
N ASN A 241 -19.90 9.44 -19.08
CA ASN A 241 -19.19 10.54 -19.72
C ASN A 241 -19.53 11.86 -19.01
N GLY A 242 -19.49 12.96 -19.75
CA GLY A 242 -19.79 14.25 -19.17
C GLY A 242 -18.75 14.70 -18.16
N GLY A 243 -18.68 13.98 -17.05
CA GLY A 243 -17.71 14.30 -16.01
C GLY A 243 -16.28 14.12 -16.49
N PRO A 244 -15.31 14.01 -15.57
CA PRO A 244 -13.90 13.84 -15.93
C PRO A 244 -13.60 12.56 -16.71
N ALA A 245 -14.38 11.52 -16.45
CA ALA A 245 -14.21 10.23 -17.11
C ALA A 245 -13.75 10.34 -18.56
N ALA A 246 -14.71 10.51 -19.47
CA ALA A 246 -14.40 10.62 -20.89
C ALA A 246 -14.10 12.05 -21.30
N ARG A 247 -14.24 12.99 -20.38
CA ARG A 247 -14.00 14.40 -20.68
C ARG A 247 -12.62 14.64 -21.29
N SER A 248 -11.75 13.65 -21.21
CA SER A 248 -10.41 13.78 -21.76
C SER A 248 -10.11 12.70 -22.80
N GLY A 249 -11.13 11.94 -23.18
CA GLY A 249 -10.91 10.88 -24.14
C GLY A 249 -9.87 9.94 -23.55
N LYS A 250 -8.89 9.55 -24.37
CA LYS A 250 -7.82 8.65 -23.93
C LYS A 250 -8.29 7.46 -23.08
N LEU A 251 -9.59 7.22 -23.09
CA LEU A 251 -10.20 6.11 -22.37
C LEU A 251 -11.12 5.39 -23.34
N SER A 252 -11.44 4.13 -23.03
CA SER A 252 -12.31 3.35 -23.89
C SER A 252 -13.13 2.35 -23.07
N ILE A 253 -14.40 2.18 -23.43
CA ILE A 253 -15.25 1.23 -22.71
C ILE A 253 -14.67 -0.15 -22.97
N GLY A 254 -14.01 -0.71 -21.96
CA GLY A 254 -13.41 -2.02 -22.09
C GLY A 254 -11.90 -1.96 -21.92
N ASP A 255 -11.41 -0.88 -21.32
CA ASP A 255 -9.99 -0.69 -21.09
C ASP A 255 -9.64 -1.08 -19.66
N GLN A 256 -8.92 -2.19 -19.51
CA GLN A 256 -8.53 -2.71 -18.19
C GLN A 256 -7.74 -1.71 -17.36
N ILE A 257 -8.21 -1.48 -16.14
CA ILE A 257 -7.55 -0.55 -15.22
C ILE A 257 -6.57 -1.31 -14.32
N MET A 258 -5.30 -0.94 -14.38
CA MET A 258 -4.28 -1.59 -13.58
C MET A 258 -4.09 -0.92 -12.21
N SER A 259 -3.79 0.37 -12.21
CA SER A 259 -3.58 1.09 -10.97
C SER A 259 -4.37 2.39 -10.90
N ILE A 260 -4.39 2.98 -9.70
CA ILE A 260 -5.08 4.24 -9.46
C ILE A 260 -4.33 5.04 -8.40
N ASN A 261 -3.53 6.00 -8.86
CA ASN A 261 -2.75 6.86 -7.97
C ASN A 261 -1.77 6.14 -7.05
N GLY A 262 -1.17 5.07 -7.55
CA GLY A 262 -0.20 4.36 -6.73
C GLY A 262 -0.51 2.91 -6.42
N THR A 263 -1.73 2.65 -5.93
CA THR A 263 -2.13 1.30 -5.58
C THR A 263 -2.60 0.49 -6.79
N SER A 264 -1.97 -0.67 -6.99
CA SER A 264 -2.31 -1.57 -8.09
C SER A 264 -3.71 -2.15 -7.86
N LEU A 265 -4.31 -2.69 -8.92
CA LEU A 265 -5.64 -3.26 -8.81
C LEU A 265 -5.62 -4.77 -9.05
N VAL A 266 -4.49 -5.28 -9.53
CA VAL A 266 -4.35 -6.70 -9.80
C VAL A 266 -4.60 -7.53 -8.54
N GLY A 267 -5.75 -8.20 -8.50
CA GLY A 267 -6.08 -9.01 -7.36
C GLY A 267 -6.76 -8.20 -6.28
N LEU A 268 -8.01 -7.82 -6.53
CA LEU A 268 -8.79 -7.04 -5.59
C LEU A 268 -10.28 -7.20 -5.87
N PRO A 269 -11.12 -7.12 -4.82
CA PRO A 269 -12.57 -7.26 -4.98
C PRO A 269 -13.16 -6.04 -5.68
N LEU A 270 -14.20 -5.46 -5.07
CA LEU A 270 -14.87 -4.28 -5.61
C LEU A 270 -15.03 -3.25 -4.52
N ALA A 271 -14.99 -3.71 -3.27
CA ALA A 271 -15.13 -2.84 -2.12
C ALA A 271 -13.93 -1.91 -2.06
N THR A 272 -12.79 -2.40 -2.54
CA THR A 272 -11.56 -1.61 -2.55
C THR A 272 -11.44 -0.86 -3.88
N CYS A 273 -11.56 -1.57 -5.00
CA CYS A 273 -11.46 -0.94 -6.31
C CYS A 273 -12.46 0.20 -6.44
N GLN A 274 -13.74 -0.14 -6.49
CA GLN A 274 -14.79 0.86 -6.61
C GLN A 274 -14.82 1.80 -5.42
N GLY A 275 -14.13 1.43 -4.35
CA GLY A 275 -14.07 2.26 -3.17
C GLY A 275 -13.09 3.40 -3.38
N ILE A 276 -12.08 3.13 -4.22
CA ILE A 276 -11.05 4.12 -4.52
C ILE A 276 -11.64 5.22 -5.40
N ILE A 277 -12.42 4.84 -6.40
CA ILE A 277 -13.05 5.81 -7.30
C ILE A 277 -13.97 6.71 -6.48
N LYS A 278 -14.29 6.26 -5.27
CA LYS A 278 -15.14 7.00 -4.36
C LYS A 278 -14.30 7.91 -3.47
N GLY A 279 -13.00 7.62 -3.38
CA GLY A 279 -12.12 8.42 -2.57
C GLY A 279 -11.38 9.47 -3.37
N LEU A 280 -11.53 9.42 -4.69
CA LEU A 280 -10.88 10.36 -5.60
C LEU A 280 -11.60 11.71 -5.65
N LYS A 281 -12.80 11.73 -5.07
CA LYS A 281 -13.62 12.94 -5.06
C LYS A 281 -12.84 14.23 -4.85
N ASN A 282 -12.09 14.31 -3.75
CA ASN A 282 -11.30 15.49 -3.45
C ASN A 282 -9.84 15.31 -3.88
N GLN A 283 -9.62 15.04 -5.16
CA GLN A 283 -8.28 14.83 -5.69
C GLN A 283 -7.77 15.96 -6.58
N THR A 284 -8.36 16.06 -7.78
CA THR A 284 -7.97 17.08 -8.76
C THR A 284 -6.66 16.73 -9.50
N GLN A 285 -6.29 15.46 -9.46
CA GLN A 285 -5.08 14.96 -10.11
C GLN A 285 -4.99 13.44 -9.95
N VAL A 286 -5.70 12.70 -10.81
CA VAL A 286 -5.72 11.25 -10.73
C VAL A 286 -4.82 10.56 -11.74
N LYS A 287 -3.97 9.67 -11.22
CA LYS A 287 -3.04 8.90 -12.03
C LYS A 287 -3.69 7.54 -12.34
N LEU A 288 -3.49 7.04 -13.55
CA LEU A 288 -4.07 5.76 -13.93
C LEU A 288 -3.24 4.99 -14.94
N ASN A 289 -3.29 3.66 -14.84
CA ASN A 289 -2.57 2.78 -15.75
C ASN A 289 -3.58 1.91 -16.46
N ILE A 290 -3.71 2.11 -17.77
CA ILE A 290 -4.68 1.35 -18.56
C ILE A 290 -4.00 0.57 -19.68
N VAL A 291 -4.48 -0.65 -19.93
CA VAL A 291 -3.93 -1.47 -21.00
C VAL A 291 -4.73 -1.24 -22.28
N SER A 292 -5.99 -0.85 -22.10
CA SER A 292 -6.90 -0.57 -23.20
C SER A 292 -7.09 -1.73 -24.18
N CYS A 293 -6.82 -1.47 -25.46
CA CYS A 293 -6.97 -2.45 -26.54
C CYS A 293 -8.24 -3.31 -26.43
N PRO A 294 -9.41 -2.66 -26.26
CA PRO A 294 -10.70 -3.36 -26.14
C PRO A 294 -11.24 -3.59 -27.55
N PRO A 295 -12.53 -3.96 -27.70
CA PRO A 295 -13.55 -4.20 -26.67
C PRO A 295 -14.15 -5.61 -26.84
N VAL A 296 -13.64 -6.34 -27.83
CA VAL A 296 -14.10 -7.69 -28.14
C VAL A 296 -13.09 -8.41 -29.03
N THR A 297 -12.87 -9.70 -28.76
CA THR A 297 -11.92 -10.49 -29.54
C THR A 297 -12.55 -11.08 -30.80
N GLU A 383 -31.79 1.14 -12.22
CA GLU A 383 -30.67 0.71 -13.05
C GLU A 383 -30.20 1.85 -13.94
N THR A 384 -29.11 1.62 -14.67
CA THR A 384 -28.53 2.56 -15.61
C THR A 384 -28.67 4.06 -15.31
N PRO A 385 -27.63 4.68 -14.71
CA PRO A 385 -26.34 4.11 -14.29
C PRO A 385 -26.05 4.51 -12.84
N LEU A 386 -24.77 4.52 -12.45
CA LEU A 386 -24.39 4.90 -11.09
C LEU A 386 -23.02 5.57 -11.11
N TYR A 387 -22.98 6.89 -10.94
CA TYR A 387 -21.73 7.65 -10.97
C TYR A 387 -20.65 7.15 -10.00
N ILE A 388 -20.16 8.03 -9.12
CA ILE A 388 -19.10 7.62 -8.18
C ILE A 388 -18.02 6.83 -8.92
#